data_6XWF
#
_entry.id   6XWF
#
_cell.length_a   68.940
_cell.length_b   68.940
_cell.length_c   166.910
_cell.angle_alpha   90.000
_cell.angle_beta   90.000
_cell.angle_gamma   120.000
#
_symmetry.space_group_name_H-M   'P 61 2 2'
#
loop_
_entity.id
_entity.type
_entity.pdbx_description
1 polymer 'B-cell lymphoma 6 protein'
2 non-polymer (4S)-2-METHYL-2,4-PENTANEDIOL
3 non-polymer 'CHLORIDE ION'
4 water water
#
_entity_poly.entity_id   1
_entity_poly.type   'polypeptide(L)'
_entity_poly.pdbx_seq_one_letter_code
;GPSSDLYLRPGDSQIQFTRHASDVLLNLNRLRSRDILTDVVIVVSREQFRAHKTVLMACSGLFYSIFTDQLKRNLSVINL
DPEINPEGFNILLDFMYTSRLNLREGNIMAVMATAMYLQMEHVVDTCRKFIKASE
;
_entity_poly.pdbx_strand_id   A
#
loop_
_chem_comp.id
_chem_comp.type
_chem_comp.name
_chem_comp.formula
CL non-polymer 'CHLORIDE ION' 'Cl -1'
MPD non-polymer (4S)-2-METHYL-2,4-PENTANEDIOL 'C6 H14 O2'
#
# COMPACT_ATOMS: atom_id res chain seq x y z
N ASP A 5 -5.07 2.00 25.91
CA ASP A 5 -6.00 2.73 25.05
C ASP A 5 -5.59 4.20 24.91
N LEU A 6 -5.34 4.82 26.05
CA LEU A 6 -4.78 6.16 26.13
C LEU A 6 -3.48 6.09 26.92
N TYR A 7 -2.55 7.00 26.64
CA TYR A 7 -1.36 7.12 27.47
C TYR A 7 -0.77 8.51 27.31
N LEU A 8 0.14 8.85 28.24
CA LEU A 8 0.90 10.10 28.24
C LEU A 8 2.37 9.81 28.00
N ARG A 9 3.10 10.81 27.52
CA ARG A 9 4.52 10.61 27.19
C ARG A 9 5.28 11.90 27.48
N PRO A 10 6.59 11.82 27.62
CA PRO A 10 7.38 13.02 27.96
C PRO A 10 7.54 13.97 26.77
N GLY A 11 7.82 15.23 27.11
CA GLY A 11 8.09 16.23 26.09
C GLY A 11 6.91 16.58 25.23
N ASP A 12 5.70 16.20 25.64
CA ASP A 12 4.51 16.35 24.82
C ASP A 12 3.32 16.28 25.76
N SER A 13 2.52 17.32 25.82
CA SER A 13 1.42 17.35 26.78
C SER A 13 0.16 16.70 26.24
N GLN A 14 0.17 16.22 25.00
CA GLN A 14 -1.05 15.73 24.39
C GLN A 14 -1.35 14.30 24.83
N ILE A 15 -2.62 13.92 24.75
CA ILE A 15 -3.07 12.57 25.05
C ILE A 15 -2.79 11.70 23.84
N GLN A 16 -2.18 10.53 24.04
CA GLN A 16 -1.86 9.63 22.94
C GLN A 16 -2.93 8.54 22.85
N PHE A 17 -3.50 8.35 21.66
CA PHE A 17 -4.52 7.32 21.41
C PHE A 17 -3.87 6.13 20.71
N THR A 18 -3.90 4.96 21.36
CA THR A 18 -3.18 3.81 20.83
C THR A 18 -3.90 3.16 19.65
N ARG A 19 -5.22 3.29 19.57
CA ARG A 19 -5.97 2.56 18.56
C ARG A 19 -6.36 3.42 17.36
N HIS A 20 -6.06 4.72 17.38
CA HIS A 20 -6.61 5.62 16.36
C HIS A 20 -6.10 5.29 14.95
N ALA A 21 -4.79 5.12 14.79
CA ALA A 21 -4.23 4.91 13.45
C ALA A 21 -4.81 3.64 12.82
N SER A 22 -4.90 2.56 13.60
CA SER A 22 -5.50 1.33 13.11
C SER A 22 -6.96 1.55 12.73
N ASP A 23 -7.70 2.32 13.53
CA ASP A 23 -9.08 2.63 13.20
C ASP A 23 -9.20 3.42 11.90
N VAL A 24 -8.30 4.40 11.70
CA VAL A 24 -8.33 5.16 10.45
C VAL A 24 -8.11 4.24 9.26
N LEU A 25 -7.10 3.38 9.35
CA LEU A 25 -6.81 2.49 8.22
C LEU A 25 -7.97 1.53 7.97
N LEU A 26 -8.57 1.01 9.04
CA LEU A 26 -9.74 0.15 8.90
C LEU A 26 -10.86 0.86 8.15
N ASN A 27 -11.11 2.12 8.48
CA ASN A 27 -12.18 2.85 7.81
C ASN A 27 -11.81 3.21 6.38
N LEU A 28 -10.53 3.44 6.11
CA LEU A 28 -10.09 3.65 4.72
C LEU A 28 -10.29 2.38 3.91
N ASN A 29 -10.02 1.21 4.50
CA ASN A 29 -10.24 -0.03 3.76
C ASN A 29 -11.73 -0.26 3.52
N ARG A 30 -12.58 0.19 4.45
CA ARG A 30 -14.03 0.12 4.23
C ARG A 30 -14.44 1.00 3.06
N LEU A 31 -13.89 2.21 2.98
CA LEU A 31 -14.16 3.07 1.82
C LEU A 31 -13.75 2.38 0.54
N ARG A 32 -12.59 1.71 0.54
CA ARG A 32 -12.16 1.02 -0.67
C ARG A 32 -13.13 -0.10 -1.02
N SER A 33 -13.56 -0.88 -0.02
CA SER A 33 -14.48 -1.99 -0.29
C SER A 33 -15.76 -1.49 -0.93
N ARG A 34 -16.21 -0.30 -0.55
CA ARG A 34 -17.44 0.29 -1.04
C ARG A 34 -17.24 1.20 -2.25
N ASP A 35 -15.99 1.35 -2.71
CA ASP A 35 -15.65 2.20 -3.85
C ASP A 35 -16.02 3.65 -3.60
N ILE A 36 -15.86 4.11 -2.37
CA ILE A 36 -16.23 5.46 -1.97
C ILE A 36 -15.00 6.34 -2.07
N LEU A 37 -15.08 7.37 -2.90
CA LEU A 37 -14.05 8.38 -3.12
C LEU A 37 -12.76 7.82 -3.66
N THR A 38 -12.76 6.58 -4.16
CA THR A 38 -11.61 6.13 -4.92
C THR A 38 -11.42 7.04 -6.13
N ASP A 39 -10.16 7.34 -6.45
CA ASP A 39 -9.86 8.35 -7.46
C ASP A 39 -8.81 7.90 -8.46
N VAL A 40 -8.43 6.62 -8.46
CA VAL A 40 -7.45 6.12 -9.43
C VAL A 40 -7.71 4.64 -9.64
N VAL A 41 -7.40 4.17 -10.87
CA VAL A 41 -7.36 2.75 -11.19
C VAL A 41 -5.94 2.41 -11.58
N ILE A 42 -5.39 1.36 -10.97
CA ILE A 42 -4.07 0.84 -11.32
C ILE A 42 -4.28 -0.36 -12.23
N VAL A 43 -3.63 -0.37 -13.39
CA VAL A 43 -3.80 -1.43 -14.38
C VAL A 43 -2.55 -2.29 -14.37
N VAL A 44 -2.73 -3.59 -14.16
CA VAL A 44 -1.65 -4.55 -14.01
C VAL A 44 -1.97 -5.75 -14.91
N SER A 45 -1.33 -5.82 -16.07
CA SER A 45 -1.57 -6.89 -17.03
C SER A 45 -3.07 -7.08 -17.27
N ARG A 46 -3.73 -5.98 -17.64
CA ARG A 46 -5.15 -5.92 -17.96
C ARG A 46 -6.04 -6.05 -16.72
N GLU A 47 -5.48 -6.41 -15.57
CA GLU A 47 -6.23 -6.41 -14.32
C GLU A 47 -6.32 -4.99 -13.77
N GLN A 48 -7.46 -4.65 -13.16
CA GLN A 48 -7.72 -3.30 -12.71
C GLN A 48 -7.98 -3.27 -11.21
N PHE A 49 -7.36 -2.29 -10.53
CA PHE A 49 -7.45 -2.16 -9.08
C PHE A 49 -7.78 -0.72 -8.73
N ARG A 50 -8.90 -0.50 -8.05
CA ARG A 50 -9.27 0.85 -7.63
C ARG A 50 -8.67 1.16 -6.27
N ALA A 51 -8.32 2.43 -6.06
CA ALA A 51 -7.63 2.80 -4.83
C ALA A 51 -7.78 4.30 -4.59
N HIS A 52 -7.29 4.75 -3.43
CA HIS A 52 -7.18 6.16 -3.08
C HIS A 52 -5.73 6.60 -3.29
N LYS A 53 -5.53 7.64 -4.11
CA LYS A 53 -4.18 8.11 -4.37
C LYS A 53 -3.41 8.43 -3.09
N THR A 54 -4.06 9.05 -2.10
CA THR A 54 -3.33 9.42 -0.90
C THR A 54 -2.82 8.20 -0.15
N VAL A 55 -3.60 7.12 -0.13
CA VAL A 55 -3.13 5.91 0.54
C VAL A 55 -1.97 5.30 -0.23
N LEU A 56 -2.07 5.24 -1.57
CA LEU A 56 -0.95 4.76 -2.37
C LEU A 56 0.31 5.58 -2.09
N MET A 57 0.17 6.91 -2.01
CA MET A 57 1.34 7.76 -1.78
C MET A 57 1.89 7.57 -0.38
N ALA A 58 1.04 7.27 0.59
CA ALA A 58 1.50 7.08 1.95
C ALA A 58 2.19 5.74 2.16
N CYS A 59 2.09 4.80 1.20
CA CYS A 59 2.66 3.46 1.35
C CYS A 59 3.76 3.14 0.35
N SER A 60 3.77 3.79 -0.81
CA SER A 60 4.63 3.38 -1.92
C SER A 60 5.45 4.56 -2.39
N GLY A 61 6.78 4.38 -2.44
CA GLY A 61 7.63 5.42 -2.99
C GLY A 61 7.36 5.68 -4.46
N LEU A 62 6.99 4.64 -5.20
CA LEU A 62 6.65 4.82 -6.61
C LEU A 62 5.45 5.75 -6.76
N PHE A 63 4.36 5.46 -6.05
CA PHE A 63 3.16 6.29 -6.18
C PHE A 63 3.38 7.67 -5.60
N TYR A 64 4.23 7.78 -4.57
CA TYR A 64 4.55 9.12 -4.07
C TYR A 64 5.24 9.94 -5.17
N SER A 65 6.20 9.33 -5.87
CA SER A 65 6.91 10.03 -6.93
C SER A 65 5.99 10.37 -8.08
N ILE A 66 5.08 9.45 -8.42
CA ILE A 66 4.18 9.67 -9.54
C ILE A 66 3.28 10.88 -9.27
N PHE A 67 2.56 10.87 -8.16
CA PHE A 67 1.52 11.89 -7.98
C PHE A 67 2.04 13.21 -7.43
N THR A 68 3.32 13.33 -7.09
CA THR A 68 3.89 14.64 -6.83
C THR A 68 4.46 15.29 -8.08
N ASP A 69 4.45 14.58 -9.21
CA ASP A 69 4.74 15.19 -10.51
C ASP A 69 3.50 15.90 -11.02
N GLN A 70 3.64 17.19 -11.35
CA GLN A 70 2.46 17.97 -11.70
C GLN A 70 1.72 17.39 -12.91
N LEU A 71 2.47 16.85 -13.87
CA LEU A 71 1.82 16.30 -15.05
C LEU A 71 1.00 15.05 -14.72
N LYS A 72 1.45 14.26 -13.75
CA LYS A 72 0.80 13.00 -13.42
C LYS A 72 -0.18 13.10 -12.26
N ARG A 73 -0.22 14.25 -11.56
CA ARG A 73 -0.99 14.38 -10.33
C ARG A 73 -2.46 14.01 -10.53
N ASN A 74 -3.06 14.42 -11.66
CA ASN A 74 -4.49 14.26 -11.88
C ASN A 74 -4.83 13.08 -12.77
N LEU A 75 -3.87 12.22 -13.09
CA LEU A 75 -4.19 11.04 -13.88
C LEU A 75 -5.16 10.15 -13.12
N SER A 76 -6.12 9.56 -13.84
CA SER A 76 -7.08 8.65 -13.22
C SER A 76 -6.75 7.19 -13.47
N VAL A 77 -5.80 6.89 -14.35
CA VAL A 77 -5.39 5.53 -14.68
C VAL A 77 -3.87 5.49 -14.71
N ILE A 78 -3.28 4.54 -13.98
CA ILE A 78 -1.84 4.34 -13.97
C ILE A 78 -1.55 2.92 -14.42
N ASN A 79 -0.82 2.79 -15.53
CA ASN A 79 -0.40 1.49 -16.03
C ASN A 79 0.98 1.16 -15.47
N LEU A 80 1.09 -0.02 -14.87
CA LEU A 80 2.37 -0.49 -14.35
C LEU A 80 3.10 -1.35 -15.38
N ASP A 81 4.38 -1.58 -15.13
CA ASP A 81 5.21 -2.45 -15.96
C ASP A 81 4.47 -3.75 -16.24
N PRO A 82 4.30 -4.14 -17.51
CA PRO A 82 3.55 -5.37 -17.82
C PRO A 82 4.16 -6.63 -17.23
N GLU A 83 5.41 -6.60 -16.77
CA GLU A 83 5.99 -7.77 -16.14
C GLU A 83 5.50 -7.96 -14.71
N ILE A 84 4.89 -6.95 -14.11
CA ILE A 84 4.36 -7.09 -12.76
C ILE A 84 3.18 -8.05 -12.76
N ASN A 85 3.17 -8.96 -11.80
CA ASN A 85 2.15 -9.99 -11.69
C ASN A 85 0.97 -9.45 -10.89
N PRO A 86 -0.27 -9.59 -11.38
CA PRO A 86 -1.41 -8.99 -10.68
C PRO A 86 -1.63 -9.53 -9.28
N GLU A 87 -1.38 -10.82 -9.04
CA GLU A 87 -1.57 -11.37 -7.70
C GLU A 87 -0.66 -10.69 -6.70
N GLY A 88 0.61 -10.50 -7.07
CA GLY A 88 1.52 -9.79 -6.19
C GLY A 88 1.06 -8.38 -5.89
N PHE A 89 0.58 -7.67 -6.91
CA PHE A 89 0.05 -6.34 -6.66
C PHE A 89 -1.16 -6.36 -5.74
N ASN A 90 -2.08 -7.30 -5.98
CA ASN A 90 -3.26 -7.42 -5.13
C ASN A 90 -2.88 -7.62 -3.67
N ILE A 91 -1.90 -8.50 -3.42
CA ILE A 91 -1.44 -8.77 -2.06
C ILE A 91 -0.89 -7.50 -1.42
N LEU A 92 -0.14 -6.71 -2.19
CA LEU A 92 0.45 -5.50 -1.62
C LEU A 92 -0.57 -4.38 -1.44
N LEU A 93 -1.55 -4.28 -2.34
CA LEU A 93 -2.62 -3.31 -2.14
C LEU A 93 -3.41 -3.63 -0.87
N ASP A 94 -3.74 -4.91 -0.67
CA ASP A 94 -4.38 -5.32 0.58
C ASP A 94 -3.53 -4.96 1.79
N PHE A 95 -2.22 -5.21 1.70
CA PHE A 95 -1.33 -4.85 2.80
C PHE A 95 -1.39 -3.35 3.11
N MET A 96 -1.34 -2.52 2.07
CA MET A 96 -1.43 -1.07 2.28
C MET A 96 -2.61 -0.71 3.16
N TYR A 97 -3.77 -1.31 2.90
CA TYR A 97 -5.00 -0.95 3.60
C TYR A 97 -5.27 -1.76 4.88
N THR A 98 -4.40 -2.72 5.24
CA THR A 98 -4.71 -3.63 6.35
C THR A 98 -3.58 -3.87 7.35
N SER A 99 -2.31 -3.56 7.01
CA SER A 99 -1.13 -3.95 7.79
C SER A 99 -0.89 -5.45 7.82
N ARG A 100 -1.58 -6.21 6.97
CA ARG A 100 -1.47 -7.67 6.94
C ARG A 100 -0.95 -8.12 5.57
N LEU A 101 0.06 -8.99 5.57
CA LEU A 101 0.76 -9.37 4.34
C LEU A 101 0.63 -10.86 4.09
N ASN A 102 0.01 -11.23 2.96
CA ASN A 102 -0.22 -12.64 2.63
C ASN A 102 1.00 -13.22 1.94
N LEU A 103 2.00 -13.58 2.74
CA LEU A 103 3.23 -14.19 2.24
C LEU A 103 3.13 -15.72 2.31
N ARG A 104 3.45 -16.37 1.21
CA ARG A 104 3.44 -17.83 1.13
C ARG A 104 4.66 -18.27 0.34
N GLU A 105 5.03 -19.54 0.52
CA GLU A 105 6.14 -20.10 -0.25
C GLU A 105 5.96 -19.85 -1.74
N GLY A 106 4.72 -19.94 -2.22
CA GLY A 106 4.45 -19.84 -3.64
C GLY A 106 4.36 -18.44 -4.20
N ASN A 107 4.36 -17.42 -3.36
CA ASN A 107 4.25 -16.06 -3.88
C ASN A 107 5.34 -15.11 -3.39
N ILE A 108 6.23 -15.55 -2.50
CA ILE A 108 7.11 -14.61 -1.83
C ILE A 108 8.06 -13.94 -2.82
N MET A 109 8.55 -14.68 -3.81
CA MET A 109 9.45 -14.05 -4.78
C MET A 109 8.71 -13.00 -5.61
N ALA A 110 7.47 -13.28 -6.02
CA ALA A 110 6.70 -12.31 -6.78
C ALA A 110 6.33 -11.11 -5.91
N VAL A 111 5.94 -11.36 -4.66
CA VAL A 111 5.59 -10.25 -3.77
C VAL A 111 6.80 -9.38 -3.53
N MET A 112 7.97 -9.99 -3.32
CA MET A 112 9.17 -9.19 -3.10
C MET A 112 9.52 -8.37 -4.32
N ALA A 113 9.46 -8.97 -5.52
CA ALA A 113 9.73 -8.24 -6.75
C ALA A 113 8.77 -7.08 -6.91
N THR A 114 7.48 -7.30 -6.60
CA THR A 114 6.52 -6.22 -6.77
C THR A 114 6.74 -5.12 -5.75
N ALA A 115 7.11 -5.50 -4.50
CA ALA A 115 7.34 -4.49 -3.47
C ALA A 115 8.58 -3.67 -3.76
N MET A 116 9.60 -4.25 -4.41
CA MET A 116 10.75 -3.47 -4.84
C MET A 116 10.36 -2.46 -5.91
N TYR A 117 9.56 -2.89 -6.88
CA TYR A 117 9.06 -2.00 -7.93
C TYR A 117 8.23 -0.85 -7.33
N LEU A 118 7.38 -1.15 -6.36
CA LEU A 118 6.57 -0.12 -5.71
C LEU A 118 7.32 0.69 -4.67
N GLN A 119 8.57 0.30 -4.37
CA GLN A 119 9.40 0.94 -3.34
C GLN A 119 8.69 0.94 -1.98
N MET A 120 8.43 -0.27 -1.50
CA MET A 120 7.82 -0.52 -0.20
C MET A 120 8.87 -1.22 0.66
N GLU A 121 9.70 -0.41 1.33
CA GLU A 121 10.97 -0.92 1.85
C GLU A 121 10.77 -1.87 3.04
N HIS A 122 9.72 -1.69 3.84
CA HIS A 122 9.54 -2.57 4.97
C HIS A 122 8.99 -3.94 4.55
N VAL A 123 8.20 -3.98 3.48
CA VAL A 123 7.77 -5.27 2.93
C VAL A 123 8.96 -6.00 2.33
N VAL A 124 9.80 -5.29 1.56
CA VAL A 124 10.99 -5.91 0.98
C VAL A 124 11.87 -6.50 2.08
N ASP A 125 12.14 -5.71 3.12
CA ASP A 125 12.97 -6.18 4.23
C ASP A 125 12.36 -7.43 4.86
N THR A 126 11.04 -7.43 5.05
CA THR A 126 10.38 -8.59 5.63
C THR A 126 10.51 -9.81 4.72
N CYS A 127 10.33 -9.64 3.41
CA CYS A 127 10.50 -10.74 2.49
C CYS A 127 11.90 -11.34 2.60
N ARG A 128 12.93 -10.49 2.62
CA ARG A 128 14.29 -11.00 2.71
C ARG A 128 14.53 -11.76 4.02
N LYS A 129 13.89 -11.33 5.11
CA LYS A 129 14.03 -12.07 6.37
C LYS A 129 13.42 -13.47 6.26
N PHE A 130 12.23 -13.58 5.68
CA PHE A 130 11.60 -14.89 5.57
C PHE A 130 12.36 -15.79 4.60
N ILE A 131 12.87 -15.22 3.51
CA ILE A 131 13.67 -15.99 2.56
C ILE A 131 14.90 -16.58 3.26
N LYS A 132 15.57 -15.77 4.09
CA LYS A 132 16.77 -16.22 4.76
C LYS A 132 16.50 -17.41 5.69
N ALA A 133 15.25 -17.63 6.05
CA ALA A 133 14.90 -18.82 6.83
C ALA A 133 14.08 -19.80 5.99
C1 MPD B . -3.80 8.30 30.02
C2 MPD B . -4.54 8.63 31.31
O2 MPD B . -4.44 7.49 32.18
CM MPD B . -3.89 9.83 32.00
C3 MPD B . -6.01 8.96 31.03
C4 MPD B . -7.01 8.16 31.86
O4 MPD B . -6.73 8.27 33.23
C5 MPD B . -8.42 8.70 31.62
CL CL C . 6.47 -0.92 3.35
#